data_4XBA
#
_entry.id   4XBA
#
_cell.length_a   52.761
_cell.length_b   72.509
_cell.length_c   53.926
_cell.angle_alpha   90.00
_cell.angle_beta   111.25
_cell.angle_gamma   90.00
#
_symmetry.space_group_name_H-M   'P 1 21 1'
#
loop_
_entity.id
_entity.type
_entity.pdbx_description
1 polymer 'Aprataxin-like protein'
2 non-polymer GUANOSINE
3 non-polymer 'ZINC ION'
4 non-polymer GLYCEROL
5 non-polymer "GUANOSINE-5'-MONOPHOSPHATE"
6 water water
#
_entity_poly.entity_id   1
_entity_poly.type   'polypeptide(L)'
_entity_poly.pdbx_seq_one_letter_code
;SFRDNLKVYIESPESYKNVIYYDDDVVLVRDMFPKSKMHLLLMTRDPHLTHVHPLEIMMKHRSLVEKLVSYVQGDLSGLI
FDEARNCLSQQLTNEALCNYIKVGFHAGPSMNNLHLHIMTLDHVSPSLKNSAHYISFTSPFFVKIDTPTSNLPTRGTLTS
LFQEDLKCWRCGETFGRHFTKLKAHLQEEYDDWLDKSVSM
;
_entity_poly.pdbx_strand_id   A,B
#
# COMPACT_ATOMS: atom_id res chain seq x y z
N SER A 1 -11.49 -15.27 30.81
CA SER A 1 -11.08 -13.88 30.69
C SER A 1 -11.52 -13.32 29.35
N PHE A 2 -11.61 -11.99 29.25
CA PHE A 2 -12.05 -11.39 28.03
C PHE A 2 -11.01 -11.66 26.93
N ARG A 3 -9.77 -11.95 27.32
CA ARG A 3 -8.76 -12.17 26.31
C ARG A 3 -9.01 -13.43 25.54
N ASP A 4 -9.90 -14.27 26.03
CA ASP A 4 -10.20 -15.51 25.30
C ASP A 4 -11.47 -15.39 24.48
N ASN A 5 -11.98 -14.17 24.32
CA ASN A 5 -13.33 -13.99 23.73
C ASN A 5 -13.41 -14.48 22.30
N LEU A 6 -12.32 -14.42 21.54
CA LEU A 6 -12.43 -14.80 20.14
C LEU A 6 -12.41 -16.31 19.96
N LYS A 7 -12.16 -17.07 21.02
CA LYS A 7 -12.04 -18.51 20.85
C LYS A 7 -13.32 -19.13 20.31
N VAL A 8 -14.47 -18.55 20.63
CA VAL A 8 -15.69 -19.18 20.18
C VAL A 8 -15.81 -19.23 18.66
N TYR A 9 -15.19 -18.27 17.96
CA TYR A 9 -15.32 -18.23 16.50
C TYR A 9 -14.56 -19.32 15.84
N ILE A 10 -13.46 -19.76 16.45
CA ILE A 10 -12.71 -20.84 15.85
C ILE A 10 -13.16 -22.20 16.37
N GLU A 11 -13.86 -22.23 17.51
CA GLU A 11 -14.47 -23.49 17.99
C GLU A 11 -15.74 -23.86 17.25
N SER A 12 -16.63 -22.87 17.08
CA SER A 12 -17.92 -23.14 16.46
CA SER A 12 -17.96 -23.12 16.50
C SER A 12 -18.36 -22.01 15.53
N PRO A 13 -17.62 -21.84 14.42
CA PRO A 13 -17.91 -20.72 13.52
C PRO A 13 -19.30 -20.78 12.95
N GLU A 14 -19.79 -22.01 12.79
CA GLU A 14 -21.10 -22.17 12.18
CA GLU A 14 -21.14 -22.27 12.28
C GLU A 14 -22.21 -21.48 13.01
N SER A 15 -21.96 -21.24 14.28
CA SER A 15 -22.97 -20.73 15.21
C SER A 15 -23.08 -19.24 15.33
N TYR A 16 -22.16 -18.48 14.72
CA TYR A 16 -22.12 -17.03 14.95
C TYR A 16 -22.35 -16.29 13.66
N LYS A 17 -23.39 -15.45 13.63
CA LYS A 17 -23.79 -14.87 12.37
C LYS A 17 -22.80 -13.84 11.87
N ASN A 18 -21.85 -13.39 12.72
CA ASN A 18 -20.89 -12.45 12.16
C ASN A 18 -19.68 -13.17 11.57
N VAL A 19 -19.68 -14.51 11.60
CA VAL A 19 -18.68 -15.28 10.84
C VAL A 19 -19.17 -15.38 9.41
N ILE A 20 -18.44 -14.77 8.48
CA ILE A 20 -18.90 -14.74 7.10
C ILE A 20 -18.20 -15.75 6.18
N TYR A 21 -17.20 -16.46 6.70
CA TYR A 21 -16.59 -17.60 6.02
C TYR A 21 -15.90 -18.47 7.05
N TYR A 22 -15.99 -19.78 6.88
CA TYR A 22 -15.09 -20.67 7.58
C TYR A 22 -14.80 -21.91 6.77
N ASP A 23 -13.69 -22.53 7.10
CA ASP A 23 -13.41 -23.89 6.66
C ASP A 23 -12.62 -24.60 7.74
N ASP A 24 -11.99 -25.74 7.43
CA ASP A 24 -11.33 -26.46 8.50
C ASP A 24 -10.14 -25.68 9.06
N ASP A 25 -9.61 -24.75 8.26
CA ASP A 25 -8.37 -24.07 8.59
C ASP A 25 -8.51 -22.62 9.11
N VAL A 26 -9.50 -21.87 8.63
CA VAL A 26 -9.58 -20.45 8.99
C VAL A 26 -11.04 -20.01 9.18
N VAL A 27 -11.21 -18.89 9.85
CA VAL A 27 -12.52 -18.28 10.04
C VAL A 27 -12.38 -16.81 9.69
N LEU A 28 -13.32 -16.25 8.92
CA LEU A 28 -13.36 -14.79 8.65
C LEU A 28 -14.51 -14.18 9.36
N VAL A 29 -14.27 -13.28 10.32
CA VAL A 29 -15.35 -12.81 11.16
C VAL A 29 -15.38 -11.30 11.19
N ARG A 30 -16.58 -10.71 11.21
CA ARG A 30 -16.68 -9.27 11.36
C ARG A 30 -16.33 -8.88 12.77
N ASP A 31 -15.49 -7.89 12.94
CA ASP A 31 -15.21 -7.39 14.29
C ASP A 31 -16.49 -6.79 14.89
N MET A 32 -16.80 -7.16 16.13
CA MET A 32 -18.04 -6.60 16.70
C MET A 32 -17.88 -5.17 17.19
N PHE A 33 -16.64 -4.69 17.24
CA PHE A 33 -16.33 -3.31 17.62
C PHE A 33 -15.44 -2.70 16.55
N PRO A 34 -15.98 -2.55 15.37
CA PRO A 34 -15.14 -2.22 14.22
C PRO A 34 -14.48 -0.86 14.37
N LYS A 35 -13.24 -0.76 13.95
CA LYS A 35 -12.52 0.47 14.14
C LYS A 35 -12.37 1.24 12.84
N SER A 36 -12.96 0.73 11.75
CA SER A 36 -13.12 1.44 10.46
C SER A 36 -14.45 0.99 9.92
N LYS A 37 -14.85 1.56 8.80
CA LYS A 37 -16.14 1.21 8.21
CA LYS A 37 -16.15 1.23 8.22
C LYS A 37 -16.25 -0.26 7.94
N MET A 38 -15.18 -0.86 7.43
CA MET A 38 -15.11 -2.32 7.28
C MET A 38 -13.98 -2.78 8.18
N HIS A 39 -14.26 -3.79 9.01
CA HIS A 39 -13.22 -4.37 9.86
C HIS A 39 -13.50 -5.84 10.10
N LEU A 40 -12.65 -6.68 9.48
CA LEU A 40 -12.78 -8.14 9.55
C LEU A 40 -11.57 -8.67 10.25
N LEU A 41 -11.70 -9.87 10.81
CA LEU A 41 -10.61 -10.60 11.43
C LEU A 41 -10.48 -11.95 10.73
N LEU A 42 -9.27 -12.35 10.34
CA LEU A 42 -9.04 -13.65 9.74
C LEU A 42 -8.26 -14.47 10.76
N MET A 43 -8.84 -15.56 11.23
CA MET A 43 -8.34 -16.34 12.35
C MET A 43 -7.95 -17.75 11.95
N THR A 44 -6.74 -18.20 12.29
CA THR A 44 -6.39 -19.62 12.11
C THR A 44 -7.16 -20.45 13.12
N ARG A 45 -7.63 -21.63 12.70
CA ARG A 45 -8.23 -22.53 13.61
C ARG A 45 -7.26 -23.53 14.22
N ASP A 46 -5.99 -23.43 13.85
CA ASP A 46 -4.98 -24.41 14.31
C ASP A 46 -4.69 -24.22 15.81
N PRO A 47 -4.99 -25.21 16.65
CA PRO A 47 -4.79 -25.03 18.10
C PRO A 47 -3.35 -24.81 18.48
N HIS A 48 -2.43 -25.24 17.64
CA HIS A 48 -1.00 -25.03 17.94
C HIS A 48 -0.46 -23.72 17.46
N LEU A 49 -1.23 -22.98 16.68
CA LEU A 49 -0.79 -21.68 16.24
C LEU A 49 -1.60 -20.52 16.84
N THR A 50 -2.82 -20.78 17.27
CA THR A 50 -3.70 -19.68 17.68
C THR A 50 -3.14 -18.92 18.89
N HIS A 51 -2.36 -19.59 19.74
CA HIS A 51 -1.87 -18.85 20.90
C HIS A 51 -0.43 -18.35 20.72
N VAL A 52 0.10 -18.45 19.50
CA VAL A 52 1.44 -17.93 19.26
C VAL A 52 1.34 -16.44 19.00
N HIS A 53 2.23 -15.66 19.60
CA HIS A 53 2.22 -14.21 19.41
C HIS A 53 2.40 -13.85 17.96
N PRO A 54 1.66 -12.86 17.44
CA PRO A 54 1.78 -12.54 16.01
C PRO A 54 3.18 -12.19 15.56
N LEU A 55 4.03 -11.61 16.41
CA LEU A 55 5.38 -11.31 15.96
C LEU A 55 6.19 -12.61 15.85
N GLU A 56 5.90 -13.62 16.66
CA GLU A 56 6.55 -14.94 16.50
C GLU A 56 6.03 -15.64 15.24
N ILE A 57 4.75 -15.46 14.92
CA ILE A 57 4.21 -15.97 13.67
C ILE A 57 4.95 -15.36 12.49
N MET A 58 5.09 -14.03 12.49
CA MET A 58 5.72 -13.41 11.34
CA MET A 58 5.76 -13.33 11.38
C MET A 58 7.21 -13.75 11.24
N MET A 59 7.87 -14.06 12.37
CA MET A 59 9.29 -14.43 12.34
CA MET A 59 9.29 -14.42 12.29
C MET A 59 9.49 -15.90 12.00
N LYS A 60 8.71 -16.77 12.64
CA LYS A 60 9.03 -18.20 12.67
C LYS A 60 8.02 -19.08 12.01
N HIS A 61 6.88 -18.52 11.58
CA HIS A 61 5.82 -19.35 11.00
C HIS A 61 5.36 -18.78 9.67
N ARG A 62 6.29 -18.59 8.76
CA ARG A 62 6.01 -18.02 7.46
C ARG A 62 5.03 -18.87 6.68
N SER A 63 4.95 -20.20 6.95
CA SER A 63 3.96 -21.03 6.26
CA SER A 63 3.95 -21.03 6.25
C SER A 63 2.55 -20.50 6.52
N LEU A 64 2.32 -20.11 7.75
CA LEU A 64 0.99 -19.62 8.07
C LEU A 64 0.82 -18.25 7.46
N VAL A 65 1.83 -17.38 7.54
CA VAL A 65 1.69 -16.06 6.90
C VAL A 65 1.32 -16.25 5.42
N GLU A 66 2.01 -17.12 4.71
CA GLU A 66 1.70 -17.30 3.31
C GLU A 66 0.31 -17.86 3.09
N LYS A 67 -0.15 -18.75 3.97
CA LYS A 67 -1.51 -19.29 3.83
C LYS A 67 -2.56 -18.20 4.08
N LEU A 68 -2.38 -17.39 5.12
CA LEU A 68 -3.33 -16.32 5.36
C LEU A 68 -3.39 -15.33 4.18
N VAL A 69 -2.25 -14.93 3.65
CA VAL A 69 -2.19 -14.04 2.52
C VAL A 69 -2.85 -14.72 1.30
N SER A 70 -2.66 -16.04 1.13
CA SER A 70 -3.31 -16.69 0.00
C SER A 70 -4.84 -16.67 0.12
N TYR A 71 -5.36 -16.73 1.34
CA TYR A 71 -6.79 -16.55 1.49
C TYR A 71 -7.21 -15.12 1.19
N VAL A 72 -6.50 -14.12 1.68
CA VAL A 72 -6.90 -12.75 1.45
C VAL A 72 -6.86 -12.38 -0.02
N GLN A 73 -5.83 -12.86 -0.72
CA GLN A 73 -5.68 -12.55 -2.14
C GLN A 73 -6.44 -13.50 -3.04
N GLY A 74 -6.81 -14.67 -2.51
CA GLY A 74 -7.45 -15.69 -3.29
C GLY A 74 -8.91 -15.91 -3.01
N ASP A 75 -9.25 -17.03 -2.35
CA ASP A 75 -10.64 -17.43 -2.18
C ASP A 75 -11.48 -16.37 -1.48
N LEU A 76 -10.90 -15.56 -0.60
CA LEU A 76 -11.72 -14.59 0.14
C LEU A 76 -11.69 -13.19 -0.47
N SER A 77 -10.97 -12.99 -1.55
CA SER A 77 -10.81 -11.64 -2.06
CA SER A 77 -10.81 -11.66 -2.13
C SER A 77 -12.16 -11.04 -2.47
N GLY A 78 -12.98 -11.79 -3.21
CA GLY A 78 -14.24 -11.23 -3.67
C GLY A 78 -15.15 -10.92 -2.50
N LEU A 79 -15.11 -11.80 -1.50
CA LEU A 79 -15.89 -11.56 -0.29
C LEU A 79 -15.47 -10.31 0.43
N ILE A 80 -14.18 -10.11 0.59
CA ILE A 80 -13.70 -8.91 1.26
C ILE A 80 -14.13 -7.65 0.50
N PHE A 81 -13.96 -7.62 -0.81
CA PHE A 81 -14.39 -6.43 -1.57
C PHE A 81 -15.89 -6.22 -1.51
N ASP A 82 -16.65 -7.32 -1.53
CA ASP A 82 -18.10 -7.15 -1.43
C ASP A 82 -18.48 -6.63 -0.03
N GLU A 83 -17.83 -7.11 1.01
CA GLU A 83 -18.08 -6.54 2.33
CA GLU A 83 -17.99 -6.55 2.34
C GLU A 83 -17.72 -5.05 2.36
N ALA A 84 -16.61 -4.64 1.74
CA ALA A 84 -16.26 -3.22 1.73
C ALA A 84 -17.33 -2.42 1.02
N ARG A 85 -17.87 -2.96 -0.08
CA ARG A 85 -18.93 -2.24 -0.80
C ARG A 85 -20.17 -2.14 0.08
N ASN A 86 -20.45 -3.18 0.84
CA ASN A 86 -21.59 -3.10 1.75
C ASN A 86 -21.40 -2.11 2.87
N CYS A 87 -20.15 -1.91 3.28
CA CYS A 87 -19.81 -1.09 4.44
C CYS A 87 -19.57 0.35 4.06
N LEU A 88 -19.11 0.57 2.84
CA LEU A 88 -18.75 1.89 2.38
C LEU A 88 -19.71 2.38 1.30
N SER A 89 -19.57 1.90 0.08
CA SER A 89 -20.47 2.23 -1.04
C SER A 89 -20.44 1.17 -2.12
N GLN A 90 -21.60 0.85 -2.68
CA GLN A 90 -21.67 -0.12 -3.75
C GLN A 90 -21.04 0.37 -5.03
N GLN A 91 -20.79 1.68 -5.11
CA GLN A 91 -20.25 2.30 -6.31
C GLN A 91 -18.71 2.28 -6.34
N LEU A 92 -18.09 1.56 -5.41
CA LEU A 92 -16.63 1.45 -5.36
C LEU A 92 -16.17 0.19 -6.04
N THR A 93 -15.30 0.32 -7.01
CA THR A 93 -14.74 -0.84 -7.64
C THR A 93 -13.67 -1.52 -6.80
N ASN A 94 -13.32 -2.74 -7.18
CA ASN A 94 -12.23 -3.43 -6.51
C ASN A 94 -10.97 -2.60 -6.64
N GLU A 95 -10.83 -1.93 -7.79
CA GLU A 95 -9.65 -1.11 -8.02
C GLU A 95 -9.59 0.08 -7.06
N ALA A 96 -10.73 0.70 -6.81
CA ALA A 96 -10.75 1.80 -5.84
C ALA A 96 -10.44 1.31 -4.42
N LEU A 97 -10.96 0.14 -4.09
CA LEU A 97 -10.84 -0.39 -2.73
C LEU A 97 -9.48 -0.99 -2.38
N CYS A 98 -8.78 -1.48 -3.39
N CYS A 98 -8.78 -1.49 -3.38
CA CYS A 98 -7.50 -2.14 -3.14
CA CYS A 98 -7.53 -2.18 -3.10
C CYS A 98 -6.54 -1.23 -2.41
C CYS A 98 -6.45 -1.26 -2.52
N ASN A 99 -6.57 0.04 -2.78
CA ASN A 99 -5.66 0.99 -2.19
C ASN A 99 -6.15 1.52 -0.84
N TYR A 100 -7.32 1.05 -0.41
CA TYR A 100 -7.98 1.60 0.77
C TYR A 100 -8.21 0.51 1.81
N ILE A 101 -7.44 -0.60 1.73
CA ILE A 101 -7.59 -1.69 2.68
C ILE A 101 -6.21 -2.02 3.21
N LYS A 102 -6.11 -2.18 4.51
CA LYS A 102 -4.85 -2.63 5.10
C LYS A 102 -5.04 -3.94 5.84
N VAL A 103 -3.97 -4.72 5.92
CA VAL A 103 -4.03 -6.06 6.44
C VAL A 103 -2.84 -6.26 7.36
N GLY A 104 -3.08 -6.64 8.60
CA GLY A 104 -1.96 -6.72 9.56
C GLY A 104 -2.31 -7.20 10.94
N PHE A 105 -1.30 -7.38 11.76
CA PHE A 105 -1.47 -7.85 13.14
C PHE A 105 -1.17 -6.70 14.08
N HIS A 106 -1.73 -6.72 15.28
CA HIS A 106 -1.15 -5.91 16.34
C HIS A 106 0.14 -6.45 16.95
N ALA A 107 1.06 -5.56 17.30
CA ALA A 107 2.31 -5.95 17.94
C ALA A 107 2.06 -6.40 19.37
N GLY A 108 0.98 -5.91 19.96
CA GLY A 108 0.52 -6.39 21.26
C GLY A 108 -0.98 -6.58 21.30
N PRO A 109 -1.46 -7.70 20.83
CA PRO A 109 -2.92 -7.90 20.77
C PRO A 109 -3.56 -8.03 22.13
N SER A 110 -4.80 -7.55 22.22
CA SER A 110 -5.46 -7.69 23.51
C SER A 110 -6.10 -9.07 23.62
N MET A 111 -6.39 -9.71 22.50
CA MET A 111 -7.02 -11.04 22.60
C MET A 111 -6.00 -12.12 22.27
N ASN A 112 -6.13 -13.27 22.92
CA ASN A 112 -5.15 -14.36 22.93
C ASN A 112 -5.14 -15.20 21.66
N ASN A 113 -6.24 -15.24 20.93
CA ASN A 113 -6.30 -16.04 19.73
C ASN A 113 -5.91 -15.22 18.54
N LEU A 114 -4.97 -15.75 17.74
CA LEU A 114 -4.36 -15.05 16.64
C LEU A 114 -5.38 -14.51 15.66
N HIS A 115 -5.32 -13.22 15.33
CA HIS A 115 -6.33 -12.63 14.44
C HIS A 115 -5.66 -11.60 13.58
N LEU A 116 -5.83 -11.74 12.26
CA LEU A 116 -5.28 -10.81 11.30
C LEU A 116 -6.37 -9.77 10.94
N HIS A 117 -6.09 -8.49 11.12
CA HIS A 117 -7.05 -7.45 10.79
C HIS A 117 -7.07 -7.18 9.33
N ILE A 118 -8.27 -7.04 8.78
CA ILE A 118 -8.46 -6.70 7.38
C ILE A 118 -9.46 -5.56 7.44
N MET A 119 -9.02 -4.35 7.12
CA MET A 119 -9.88 -3.21 7.40
C MET A 119 -9.65 -2.05 6.46
N THR A 120 -10.67 -1.21 6.25
CA THR A 120 -10.48 -0.01 5.44
C THR A 120 -9.70 1.07 6.22
N LEU A 121 -9.22 2.06 5.46
CA LEU A 121 -8.29 3.00 6.04
C LEU A 121 -8.92 4.09 6.84
N ASP A 122 -10.24 4.26 6.66
CA ASP A 122 -10.90 5.47 7.09
C ASP A 122 -10.83 5.79 8.58
N HIS A 123 -10.93 4.74 9.41
CA HIS A 123 -11.13 4.91 10.84
C HIS A 123 -12.28 5.82 11.22
N VAL A 124 -13.34 5.67 10.44
CA VAL A 124 -14.62 6.35 10.78
C VAL A 124 -15.57 5.32 11.34
N SER A 125 -15.79 5.36 12.65
CA SER A 125 -16.58 4.30 13.26
C SER A 125 -16.97 4.73 14.66
N PRO A 126 -18.25 4.53 15.05
CA PRO A 126 -18.61 4.85 16.44
C PRO A 126 -17.89 4.01 17.48
N SER A 127 -17.43 2.82 17.11
CA SER A 127 -16.69 1.97 18.03
C SER A 127 -15.26 2.38 18.15
N LEU A 128 -14.83 3.37 17.36
CA LEU A 128 -13.48 3.89 17.56
C LEU A 128 -13.61 4.97 18.62
N LYS A 129 -13.40 4.61 19.88
CA LYS A 129 -13.80 5.52 20.94
C LYS A 129 -12.67 6.14 21.65
N ASN A 130 -11.47 5.67 21.46
CA ASN A 130 -10.42 6.45 22.07
C ASN A 130 -9.19 6.41 21.26
N SER A 131 -8.29 7.30 21.60
CA SER A 131 -7.19 7.45 20.67
C SER A 131 -6.19 6.30 20.75
N ALA A 132 -6.13 5.54 21.83
CA ALA A 132 -5.24 4.37 21.82
C ALA A 132 -5.62 3.38 20.71
N HIS A 133 -6.91 3.17 20.52
CA HIS A 133 -7.37 2.29 19.42
C HIS A 133 -6.91 2.82 18.08
N TYR A 134 -7.03 4.14 17.93
CA TYR A 134 -6.59 4.77 16.67
C TYR A 134 -5.09 4.55 16.42
N ILE A 135 -4.31 4.84 17.44
CA ILE A 135 -2.89 4.70 17.33
C ILE A 135 -2.51 3.25 17.04
N SER A 136 -3.29 2.30 17.58
CA SER A 136 -2.93 0.88 17.38
C SER A 136 -3.08 0.42 15.93
N PHE A 137 -3.73 1.22 15.08
CA PHE A 137 -3.82 0.85 13.67
C PHE A 137 -3.04 1.77 12.73
N THR A 138 -2.46 2.84 13.27
CA THR A 138 -1.87 3.89 12.42
C THR A 138 -0.44 4.17 12.82
N SER A 139 0.18 3.24 13.52
CA SER A 139 1.58 3.41 13.99
C SER A 139 2.28 2.09 13.70
N PRO A 140 3.59 1.95 13.96
CA PRO A 140 4.23 0.65 13.76
C PRO A 140 3.71 -0.48 14.64
N PHE A 141 2.88 -0.12 15.62
CA PHE A 141 2.21 -1.16 16.37
C PHE A 141 1.32 -2.01 15.47
N PHE A 142 0.83 -1.43 14.37
CA PHE A 142 0.15 -2.21 13.37
C PHE A 142 1.18 -2.78 12.41
N VAL A 143 1.35 -4.09 12.48
CA VAL A 143 2.37 -4.77 11.70
C VAL A 143 1.72 -5.24 10.43
N LYS A 144 1.96 -4.54 9.34
CA LYS A 144 1.37 -4.96 8.06
C LYS A 144 1.85 -6.35 7.69
N ILE A 145 0.98 -7.12 7.07
CA ILE A 145 1.34 -8.53 6.83
C ILE A 145 2.52 -8.68 5.84
N ASP A 146 2.80 -7.66 5.01
CA ASP A 146 3.98 -7.74 4.11
C ASP A 146 5.25 -7.11 4.68
N THR A 147 5.27 -6.84 5.99
CA THR A 147 6.49 -6.26 6.65
C THR A 147 7.65 -7.18 6.47
N PRO A 148 8.80 -6.65 5.98
CA PRO A 148 10.00 -7.49 5.96
C PRO A 148 10.37 -8.01 7.33
N THR A 149 10.84 -9.24 7.42
CA THR A 149 11.14 -9.79 8.72
C THR A 149 12.26 -9.01 9.45
N SER A 150 13.14 -8.40 8.69
CA SER A 150 14.19 -7.57 9.30
C SER A 150 13.65 -6.34 10.03
N ASN A 151 12.44 -5.95 9.66
CA ASN A 151 11.81 -4.70 10.11
C ASN A 151 10.74 -4.90 11.14
N LEU A 152 10.59 -6.10 11.69
CA LEU A 152 9.52 -6.25 12.64
C LEU A 152 9.76 -5.46 13.91
N PRO A 153 8.71 -4.85 14.43
CA PRO A 153 8.87 -4.16 15.70
C PRO A 153 8.96 -5.12 16.84
N THR A 154 9.20 -4.55 18.01
N THR A 154 9.22 -4.50 18.00
CA THR A 154 9.24 -5.33 19.22
CA THR A 154 9.23 -5.15 19.30
C THR A 154 7.83 -5.58 19.74
C THR A 154 7.80 -5.56 19.75
N ARG A 155 7.68 -6.57 20.61
CA ARG A 155 6.38 -6.89 21.23
C ARG A 155 5.88 -5.68 22.00
N GLY A 156 4.61 -5.34 21.78
CA GLY A 156 4.11 -4.09 22.30
C GLY A 156 3.07 -4.30 23.36
N THR A 157 2.66 -3.17 23.93
CA THR A 157 1.68 -3.12 25.00
C THR A 157 0.59 -2.12 24.58
N LEU A 158 -0.63 -2.59 24.32
CA LEU A 158 -1.70 -1.70 23.86
C LEU A 158 -1.90 -0.49 24.79
N THR A 159 -1.78 -0.70 26.11
CA THR A 159 -2.09 0.38 27.04
C THR A 159 -0.97 1.35 27.17
N SER A 160 0.12 1.11 26.44
CA SER A 160 1.18 2.09 26.47
C SER A 160 1.15 2.96 25.24
N LEU A 161 0.17 2.77 24.35
CA LEU A 161 0.06 3.63 23.21
C LEU A 161 -0.49 4.99 23.61
N PHE A 162 0.23 6.03 23.29
CA PHE A 162 -0.15 7.38 23.66
C PHE A 162 0.58 8.32 22.75
N GLN A 163 -0.12 9.31 22.21
CA GLN A 163 0.56 10.35 21.43
C GLN A 163 0.15 11.74 21.89
N GLU A 164 1.13 12.58 22.18
CA GLU A 164 0.81 13.89 22.73
C GLU A 164 0.11 14.73 21.67
N ASP A 165 0.37 14.44 20.39
CA ASP A 165 -0.20 15.23 19.28
C ASP A 165 -0.82 14.25 18.29
N LEU A 166 -2.13 14.01 18.41
CA LEU A 166 -2.83 13.05 17.56
C LEU A 166 -2.81 13.49 16.09
N LYS A 167 -2.49 12.56 15.19
CA LYS A 167 -2.22 12.93 13.81
C LYS A 167 -3.10 12.23 12.81
N CYS A 168 -3.67 12.99 11.88
CA CYS A 168 -4.44 12.41 10.76
C CYS A 168 -3.52 11.54 9.92
N TRP A 169 -3.93 10.30 9.69
CA TRP A 169 -3.10 9.36 8.93
C TRP A 169 -3.00 9.79 7.47
N ARG A 170 -3.96 10.55 6.93
CA ARG A 170 -4.06 10.83 5.50
C ARG A 170 -3.32 12.11 5.13
N CYS A 171 -3.46 13.17 5.95
CA CYS A 171 -2.83 14.46 5.60
C CYS A 171 -1.81 14.97 6.60
N GLY A 172 -1.73 14.35 7.76
CA GLY A 172 -0.72 14.74 8.73
C GLY A 172 -1.10 15.90 9.65
N GLU A 173 -2.28 16.48 9.51
CA GLU A 173 -2.72 17.49 10.46
C GLU A 173 -2.78 16.91 11.87
N THR A 174 -2.45 17.74 12.86
CA THR A 174 -2.47 17.27 14.25
C THR A 174 -3.45 17.99 15.11
N PHE A 175 -3.85 17.30 16.17
CA PHE A 175 -5.01 17.65 16.96
C PHE A 175 -4.75 17.65 18.45
N GLY A 176 -3.49 17.60 18.86
CA GLY A 176 -3.24 17.62 20.29
C GLY A 176 -3.83 16.38 20.92
N ARG A 177 -4.50 16.58 22.06
CA ARG A 177 -5.17 15.46 22.73
C ARG A 177 -6.67 15.48 22.44
N HIS A 178 -7.08 16.24 21.43
CA HIS A 178 -8.49 16.40 21.20
C HIS A 178 -8.97 15.33 20.20
N PHE A 179 -9.30 14.16 20.71
CA PHE A 179 -9.70 13.04 19.88
C PHE A 179 -11.03 13.34 19.20
N THR A 180 -11.92 14.07 19.86
CA THR A 180 -13.19 14.44 19.23
C THR A 180 -12.99 15.23 17.93
N LYS A 181 -12.08 16.20 17.95
CA LYS A 181 -11.77 16.95 16.76
C LYS A 181 -11.11 16.03 15.71
N LEU A 182 -10.21 15.15 16.14
CA LEU A 182 -9.65 14.23 15.18
C LEU A 182 -10.73 13.38 14.50
N LYS A 183 -11.68 12.84 15.26
CA LYS A 183 -12.74 12.04 14.65
C LYS A 183 -13.53 12.83 13.65
N ALA A 184 -13.84 14.09 13.98
CA ALA A 184 -14.58 14.88 12.99
C ALA A 184 -13.79 15.08 11.71
N HIS A 185 -12.48 15.31 11.86
CA HIS A 185 -11.62 15.42 10.68
C HIS A 185 -11.53 14.11 9.91
N LEU A 186 -11.46 12.96 10.60
CA LEU A 186 -11.45 11.67 9.87
C LEU A 186 -12.73 11.51 9.05
N GLN A 187 -13.86 11.98 9.58
CA GLN A 187 -15.08 11.92 8.80
C GLN A 187 -14.96 12.78 7.52
N GLU A 188 -14.42 13.97 7.64
CA GLU A 188 -14.21 14.82 6.47
C GLU A 188 -13.27 14.15 5.47
N GLU A 189 -12.25 13.46 5.96
CA GLU A 189 -11.28 12.83 5.04
C GLU A 189 -11.94 11.70 4.30
N TYR A 190 -12.81 10.96 5.01
CA TYR A 190 -13.52 9.88 4.39
C TYR A 190 -14.48 10.42 3.32
N ASP A 191 -15.23 11.47 3.67
CA ASP A 191 -16.13 12.09 2.71
C ASP A 191 -15.39 12.48 1.41
N ASP A 192 -14.19 13.04 1.59
CA ASP A 192 -13.37 13.48 0.46
C ASP A 192 -12.91 12.28 -0.36
N TRP A 193 -12.37 11.24 0.30
CA TRP A 193 -11.92 10.05 -0.42
C TRP A 193 -13.07 9.45 -1.20
N LEU A 194 -14.23 9.36 -0.58
CA LEU A 194 -15.36 8.75 -1.23
C LEU A 194 -15.80 9.52 -2.47
N ASP A 195 -15.85 10.84 -2.33
CA ASP A 195 -16.26 11.71 -3.45
C ASP A 195 -15.31 11.51 -4.62
N LYS A 196 -14.02 11.37 -4.31
CA LYS A 196 -13.02 11.20 -5.37
C LYS A 196 -12.98 9.78 -5.94
N SER A 197 -13.54 8.82 -5.23
CA SER A 197 -13.41 7.42 -5.58
C SER A 197 -14.58 6.68 -6.19
N VAL A 198 -15.79 7.15 -5.97
CA VAL A 198 -16.97 6.41 -6.43
C VAL A 198 -17.06 6.50 -7.95
N SER A 199 -17.61 5.45 -8.57
CA SER A 199 -17.82 5.42 -10.01
C SER A 199 -19.08 6.17 -10.40
N SER B 1 20.31 20.97 -22.30
CA SER B 1 21.06 19.74 -22.05
C SER B 1 20.16 18.54 -22.13
N PHE B 2 20.73 17.36 -21.97
CA PHE B 2 19.91 16.14 -22.11
C PHE B 2 18.89 16.13 -20.99
N ARG B 3 19.10 16.90 -19.93
CA ARG B 3 18.16 16.88 -18.81
C ARG B 3 16.80 17.48 -19.20
N ASP B 4 16.74 18.13 -20.36
CA ASP B 4 15.49 18.68 -20.85
C ASP B 4 14.80 17.70 -21.79
N ASN B 5 15.32 16.48 -21.97
CA ASN B 5 14.81 15.63 -23.04
C ASN B 5 13.38 15.13 -22.91
N LEU B 6 12.79 15.13 -21.69
CA LEU B 6 11.43 14.61 -21.59
C LEU B 6 10.47 15.65 -22.14
N LYS B 7 10.93 16.87 -22.43
CA LYS B 7 10.03 17.89 -22.94
C LYS B 7 9.36 17.48 -24.25
N VAL B 8 10.00 16.62 -25.04
CA VAL B 8 9.45 16.30 -26.34
C VAL B 8 8.11 15.59 -26.20
N TYR B 9 7.93 14.86 -25.09
CA TYR B 9 6.69 14.06 -24.96
C TYR B 9 5.53 14.96 -24.66
N ILE B 10 5.76 16.07 -23.97
CA ILE B 10 4.63 16.95 -23.66
C ILE B 10 4.38 17.97 -24.76
N GLU B 11 5.36 18.21 -25.61
CA GLU B 11 5.19 19.06 -26.77
C GLU B 11 4.51 18.35 -27.93
N SER B 12 4.96 17.13 -28.23
CA SER B 12 4.43 16.39 -29.38
CA SER B 12 4.50 16.37 -29.39
C SER B 12 4.21 14.92 -29.08
N PRO B 13 3.31 14.64 -28.16
CA PRO B 13 3.08 13.22 -27.80
C PRO B 13 2.66 12.31 -28.92
N GLU B 14 1.99 12.85 -29.94
CA GLU B 14 1.57 12.04 -31.08
C GLU B 14 2.74 11.45 -31.86
N SER B 15 3.93 12.00 -31.65
CA SER B 15 5.10 11.66 -32.45
C SER B 15 6.00 10.54 -31.91
N TYR B 16 5.72 10.07 -30.70
CA TYR B 16 6.61 9.15 -30.02
C TYR B 16 5.90 7.85 -29.70
N LYS B 17 6.50 6.75 -30.12
CA LYS B 17 5.85 5.46 -30.04
C LYS B 17 5.73 4.96 -28.62
N ASN B 18 6.51 5.52 -27.70
CA ASN B 18 6.42 5.06 -26.31
C ASN B 18 5.40 5.84 -25.50
N VAL B 19 4.74 6.82 -26.11
CA VAL B 19 3.59 7.49 -25.46
C VAL B 19 2.38 6.58 -25.51
N ILE B 20 1.80 6.25 -24.35
CA ILE B 20 0.63 5.34 -24.45
C ILE B 20 -0.69 6.04 -24.18
N TYR B 21 -0.62 7.28 -23.74
CA TYR B 21 -1.82 8.12 -23.58
C TYR B 21 -1.45 9.58 -23.58
N TYR B 22 -2.27 10.41 -24.20
CA TYR B 22 -2.17 11.84 -23.95
C TYR B 22 -3.52 12.54 -24.07
N ASP B 23 -3.61 13.67 -23.39
CA ASP B 23 -4.72 14.59 -23.66
C ASP B 23 -4.16 15.98 -23.50
N ASP B 24 -4.99 17.01 -23.36
CA ASP B 24 -4.47 18.36 -23.31
C ASP B 24 -3.64 18.63 -22.05
N ASP B 25 -3.89 17.83 -21.01
CA ASP B 25 -3.31 18.08 -19.70
C ASP B 25 -2.14 17.18 -19.32
N VAL B 26 -2.14 15.92 -19.76
CA VAL B 26 -1.09 15.00 -19.36
C VAL B 26 -0.65 14.09 -20.49
N VAL B 27 0.54 13.49 -20.29
CA VAL B 27 1.08 12.49 -21.18
C VAL B 27 1.57 11.31 -20.33
N LEU B 28 1.20 10.09 -20.70
CA LEU B 28 1.69 8.88 -20.06
C LEU B 28 2.65 8.18 -21.02
N VAL B 29 3.92 8.02 -20.59
CA VAL B 29 4.97 7.57 -21.51
C VAL B 29 5.76 6.45 -20.84
N ARG B 30 6.20 5.49 -21.64
CA ARG B 30 7.13 4.48 -21.10
C ARG B 30 8.47 5.08 -20.81
N ASP B 31 9.04 4.74 -19.65
CA ASP B 31 10.43 5.13 -19.37
C ASP B 31 11.32 4.45 -20.37
N MET B 32 12.25 5.20 -20.93
CA MET B 32 13.14 4.60 -21.92
C MET B 32 14.20 3.68 -21.32
N PHE B 33 14.44 3.82 -20.01
CA PHE B 33 15.46 3.02 -19.33
C PHE B 33 14.81 2.41 -18.08
N PRO B 34 13.82 1.53 -18.26
CA PRO B 34 12.94 1.19 -17.12
C PRO B 34 13.68 0.52 -15.98
N LYS B 35 13.29 0.88 -14.76
CA LYS B 35 14.02 0.42 -13.59
C LYS B 35 13.26 -0.65 -12.87
N SER B 36 12.11 -1.03 -13.44
CA SER B 36 11.35 -2.25 -13.07
C SER B 36 10.76 -2.83 -14.35
N LYS B 37 10.09 -3.97 -14.25
CA LYS B 37 9.51 -4.59 -15.42
C LYS B 37 8.56 -3.66 -16.13
N MET B 38 7.72 -2.99 -15.34
CA MET B 38 6.92 -1.89 -15.91
C MET B 38 7.40 -0.58 -15.26
N HIS B 39 7.67 0.43 -16.08
CA HIS B 39 8.05 1.73 -15.57
C HIS B 39 7.51 2.82 -16.51
N LEU B 40 6.50 3.53 -16.02
CA LEU B 40 5.90 4.58 -16.78
C LEU B 40 6.13 5.94 -16.11
N LEU B 41 6.02 7.01 -16.93
CA LEU B 41 6.08 8.36 -16.39
C LEU B 41 4.81 9.13 -16.76
N LEU B 42 4.20 9.79 -15.79
CA LEU B 42 3.01 10.60 -16.07
C LEU B 42 3.41 12.06 -15.93
N MET B 43 3.29 12.78 -17.05
CA MET B 43 3.87 14.11 -17.14
C MET B 43 2.79 15.17 -17.31
N THR B 44 2.80 16.22 -16.50
CA THR B 44 1.92 17.36 -16.83
C THR B 44 2.39 18.06 -18.12
N ARG B 45 1.44 18.50 -18.93
CA ARG B 45 1.78 19.28 -20.09
C ARG B 45 1.74 20.78 -19.83
N ASP B 46 1.41 21.16 -18.61
CA ASP B 46 1.27 22.56 -18.28
C ASP B 46 2.63 23.24 -18.24
N PRO B 47 2.84 24.20 -19.14
CA PRO B 47 4.16 24.83 -19.16
C PRO B 47 4.53 25.58 -17.89
N HIS B 48 3.54 25.95 -17.08
CA HIS B 48 3.82 26.62 -15.81
C HIS B 48 4.03 25.68 -14.62
N LEU B 49 3.83 24.38 -14.84
CA LEU B 49 4.01 23.40 -13.79
C LEU B 49 5.16 22.46 -14.06
N THR B 50 5.49 22.27 -15.36
CA THR B 50 6.49 21.25 -15.72
C THR B 50 7.85 21.54 -15.12
N HIS B 51 8.16 22.81 -14.89
CA HIS B 51 9.48 23.10 -14.35
C HIS B 51 9.45 23.38 -12.86
N VAL B 52 8.34 23.10 -12.21
CA VAL B 52 8.26 23.30 -10.77
C VAL B 52 8.89 22.06 -10.09
N HIS B 53 9.68 22.27 -9.04
CA HIS B 53 10.27 21.12 -8.35
C HIS B 53 9.19 20.20 -7.81
N PRO B 54 9.38 18.88 -7.90
CA PRO B 54 8.37 17.94 -7.42
C PRO B 54 8.04 18.15 -5.92
N LEU B 55 8.96 18.55 -5.06
CA LEU B 55 8.58 18.75 -3.67
C LEU B 55 7.74 20.01 -3.54
N GLU B 56 7.97 21.00 -4.39
CA GLU B 56 7.11 22.18 -4.37
C GLU B 56 5.73 21.87 -4.91
N ILE B 57 5.66 20.98 -5.90
CA ILE B 57 4.37 20.51 -6.37
C ILE B 57 3.62 19.85 -5.21
N MET B 58 4.29 18.96 -4.48
CA MET B 58 3.66 18.21 -3.42
CA MET B 58 3.56 18.23 -3.48
C MET B 58 3.18 19.12 -2.31
N MET B 59 3.96 20.16 -2.02
CA MET B 59 3.62 21.07 -0.91
CA MET B 59 3.61 21.07 -0.90
C MET B 59 2.59 22.15 -1.29
N LYS B 60 2.71 22.70 -2.49
CA LYS B 60 1.98 23.91 -2.82
CA LYS B 60 2.03 23.94 -2.85
C LYS B 60 1.07 23.81 -4.05
N HIS B 61 1.06 22.63 -4.71
CA HIS B 61 0.19 22.45 -5.88
C HIS B 61 -0.65 21.21 -5.71
N ARG B 62 -1.40 21.18 -4.61
CA ARG B 62 -2.22 20.02 -4.33
C ARG B 62 -3.26 19.78 -5.42
N SER B 63 -3.67 20.84 -6.13
CA SER B 63 -4.59 20.65 -7.24
CA SER B 63 -4.58 20.69 -7.26
C SER B 63 -4.03 19.72 -8.30
N LEU B 64 -2.75 19.90 -8.61
CA LEU B 64 -2.13 19.04 -9.59
C LEU B 64 -1.94 17.62 -9.01
N VAL B 65 -1.54 17.53 -7.75
CA VAL B 65 -1.38 16.22 -7.13
C VAL B 65 -2.68 15.42 -7.21
N GLU B 66 -3.80 16.04 -6.82
CA GLU B 66 -5.09 15.35 -6.88
C GLU B 66 -5.50 14.96 -8.29
N LYS B 67 -5.18 15.82 -9.26
CA LYS B 67 -5.44 15.50 -10.66
C LYS B 67 -4.60 14.32 -11.16
N LEU B 68 -3.30 14.29 -10.81
CA LEU B 68 -2.50 13.16 -11.22
C LEU B 68 -3.02 11.87 -10.61
N VAL B 69 -3.35 11.91 -9.33
CA VAL B 69 -3.91 10.74 -8.63
C VAL B 69 -5.21 10.31 -9.29
N SER B 70 -6.05 11.26 -9.68
CA SER B 70 -7.29 10.87 -10.31
C SER B 70 -7.10 10.20 -11.67
N TYR B 71 -6.06 10.60 -12.39
CA TYR B 71 -5.77 9.90 -13.64
C TYR B 71 -5.28 8.49 -13.38
N VAL B 72 -4.34 8.39 -12.44
CA VAL B 72 -3.74 7.09 -12.16
C VAL B 72 -4.77 6.07 -11.63
N GLN B 73 -5.66 6.51 -10.72
CA GLN B 73 -6.64 5.58 -10.17
C GLN B 73 -7.92 5.53 -11.03
N GLY B 74 -8.11 6.49 -11.89
CA GLY B 74 -9.35 6.59 -12.63
C GLY B 74 -9.14 6.22 -14.05
N ASP B 75 -9.17 7.22 -14.92
CA ASP B 75 -9.18 7.02 -16.36
C ASP B 75 -8.02 6.24 -16.93
N LEU B 76 -6.85 6.30 -16.28
CA LEU B 76 -5.72 5.61 -16.87
C LEU B 76 -5.47 4.28 -16.22
N SER B 77 -6.29 3.91 -15.25
CA SER B 77 -5.96 2.73 -14.48
CA SER B 77 -6.08 2.72 -14.47
C SER B 77 -6.00 1.47 -15.35
N GLY B 78 -6.98 1.33 -16.24
CA GLY B 78 -6.94 0.16 -17.09
C GLY B 78 -5.75 0.13 -18.04
N LEU B 79 -5.34 1.29 -18.56
CA LEU B 79 -4.17 1.27 -19.43
C LEU B 79 -2.94 0.82 -18.64
N ILE B 80 -2.82 1.32 -17.42
CA ILE B 80 -1.68 0.97 -16.54
C ILE B 80 -1.66 -0.52 -16.22
N PHE B 81 -2.80 -1.11 -15.84
CA PHE B 81 -2.80 -2.53 -15.56
C PHE B 81 -2.51 -3.34 -16.81
N ASP B 82 -3.03 -2.91 -17.95
CA ASP B 82 -2.75 -3.62 -19.21
C ASP B 82 -1.26 -3.55 -19.54
N GLU B 83 -0.64 -2.39 -19.31
CA GLU B 83 0.79 -2.30 -19.55
C GLU B 83 1.56 -3.23 -18.62
N ALA B 84 1.14 -3.31 -17.37
CA ALA B 84 1.78 -4.20 -16.42
C ALA B 84 1.67 -5.65 -16.87
N ARG B 85 0.50 -6.02 -17.40
CA ARG B 85 0.33 -7.37 -17.91
C ARG B 85 1.24 -7.63 -19.11
N ASN B 86 1.42 -6.62 -19.97
CA ASN B 86 2.33 -6.80 -21.10
C ASN B 86 3.78 -6.93 -20.68
N CYS B 87 4.11 -6.35 -19.54
CA CYS B 87 5.49 -6.36 -19.09
C CYS B 87 5.82 -7.53 -18.15
N LEU B 88 4.86 -8.01 -17.40
CA LEU B 88 5.08 -9.06 -16.41
C LEU B 88 4.48 -10.38 -16.84
N SER B 89 3.16 -10.46 -16.82
CA SER B 89 2.46 -11.64 -17.27
C SER B 89 1.02 -11.33 -17.57
N GLN B 90 0.46 -11.88 -18.66
CA GLN B 90 -0.94 -11.66 -19.00
C GLN B 90 -1.82 -12.34 -17.97
N GLN B 91 -1.25 -13.22 -17.17
CA GLN B 91 -2.08 -13.98 -16.22
C GLN B 91 -2.33 -13.23 -14.91
N LEU B 92 -1.94 -11.96 -14.85
CA LEU B 92 -2.13 -11.15 -13.64
C LEU B 92 -3.37 -10.30 -13.69
N THR B 93 -4.19 -10.43 -12.66
CA THR B 93 -5.37 -9.59 -12.49
C THR B 93 -5.01 -8.19 -11.98
N ASN B 94 -5.95 -7.27 -12.13
CA ASN B 94 -5.76 -5.91 -11.61
C ASN B 94 -5.55 -5.93 -10.11
N GLU B 95 -6.26 -6.82 -9.43
CA GLU B 95 -6.15 -6.93 -7.99
C GLU B 95 -4.77 -7.39 -7.54
N ALA B 96 -4.18 -8.32 -8.28
CA ALA B 96 -2.82 -8.77 -7.94
C ALA B 96 -1.83 -7.63 -8.17
N LEU B 97 -2.07 -6.87 -9.21
CA LEU B 97 -1.14 -5.80 -9.58
C LEU B 97 -1.24 -4.56 -8.75
N CYS B 98 -2.43 -4.28 -8.20
N CYS B 98 -2.41 -4.29 -8.19
CA CYS B 98 -2.63 -3.04 -7.46
CA CYS B 98 -2.58 -3.03 -7.52
C CYS B 98 -1.64 -2.92 -6.32
C CYS B 98 -1.65 -2.92 -6.30
N ASN B 99 -1.37 -4.05 -5.67
CA ASN B 99 -0.49 -4.06 -4.53
C ASN B 99 0.97 -4.08 -4.97
N TYR B 100 1.22 -4.13 -6.27
CA TYR B 100 2.61 -4.32 -6.74
C TYR B 100 3.03 -3.14 -7.60
N ILE B 101 2.36 -2.01 -7.47
CA ILE B 101 2.68 -0.81 -8.22
C ILE B 101 2.88 0.33 -7.23
N LYS B 102 3.95 1.08 -7.40
CA LYS B 102 4.19 2.26 -6.59
C LYS B 102 4.22 3.49 -7.48
N VAL B 103 3.83 4.63 -6.89
CA VAL B 103 3.63 5.85 -7.67
C VAL B 103 4.26 7.00 -6.88
N GLY B 104 5.17 7.76 -7.47
CA GLY B 104 5.83 8.79 -6.70
C GLY B 104 6.80 9.61 -7.50
N PHE B 105 7.33 10.61 -6.83
CA PHE B 105 8.36 11.51 -7.40
C PHE B 105 9.71 11.23 -6.76
N HIS B 106 10.79 11.45 -7.48
CA HIS B 106 12.11 11.55 -6.82
C HIS B 106 12.21 12.87 -6.10
N ALA B 107 12.81 12.88 -4.91
CA ALA B 107 12.93 14.12 -4.15
C ALA B 107 13.92 15.06 -4.82
N GLY B 108 14.84 14.48 -5.57
CA GLY B 108 15.77 15.22 -6.41
C GLY B 108 15.61 14.66 -7.80
N PRO B 109 14.88 15.37 -8.63
CA PRO B 109 14.61 14.78 -9.95
C PRO B 109 15.84 14.76 -10.88
N SER B 110 15.92 13.73 -11.69
CA SER B 110 17.07 13.62 -12.60
C SER B 110 16.79 14.26 -13.93
N MET B 111 15.55 14.66 -14.20
CA MET B 111 15.20 15.34 -15.44
C MET B 111 14.42 16.59 -15.11
N ASN B 112 14.52 17.61 -15.95
CA ASN B 112 13.92 18.92 -15.64
C ASN B 112 12.41 19.05 -15.77
N ASN B 113 11.78 18.21 -16.59
CA ASN B 113 10.34 18.26 -16.77
C ASN B 113 9.67 17.30 -15.78
N LEU B 114 8.68 17.81 -15.03
CA LEU B 114 8.03 17.08 -13.95
C LEU B 114 7.47 15.77 -14.42
N HIS B 115 7.84 14.69 -13.71
CA HIS B 115 7.43 13.35 -14.15
C HIS B 115 7.15 12.50 -12.92
N LEU B 116 5.97 11.90 -12.88
CA LEU B 116 5.56 11.01 -11.83
C LEU B 116 5.81 9.58 -12.23
N HIS B 117 6.61 8.87 -11.46
CA HIS B 117 6.86 7.48 -11.75
C HIS B 117 5.73 6.58 -11.38
N ILE B 118 5.40 5.64 -12.26
CA ILE B 118 4.39 4.62 -12.02
C ILE B 118 5.06 3.32 -12.39
N MET B 119 5.32 2.46 -11.44
CA MET B 119 6.17 1.31 -11.74
C MET B 119 5.86 0.11 -10.86
N THR B 120 6.21 -1.08 -11.35
CA THR B 120 6.06 -2.25 -10.51
C THR B 120 7.18 -2.34 -9.51
N LEU B 121 6.97 -3.15 -8.47
CA LEU B 121 7.88 -3.17 -7.34
C LEU B 121 9.11 -3.97 -7.57
N ASP B 122 9.12 -4.80 -8.62
CA ASP B 122 10.17 -5.83 -8.75
C ASP B 122 11.62 -5.35 -8.83
N HIS B 123 11.87 -4.23 -9.54
CA HIS B 123 13.21 -3.75 -9.87
C HIS B 123 14.00 -4.84 -10.56
N VAL B 124 13.32 -5.59 -11.41
CA VAL B 124 14.00 -6.59 -12.25
C VAL B 124 14.03 -6.01 -13.65
N SER B 125 15.19 -5.55 -14.07
CA SER B 125 15.32 -4.86 -15.35
C SER B 125 16.76 -4.74 -15.79
N PRO B 126 17.02 -4.99 -17.11
CA PRO B 126 18.41 -4.78 -17.50
C PRO B 126 18.90 -3.35 -17.34
N SER B 127 18.01 -2.36 -17.32
CA SER B 127 18.47 -1.00 -17.16
C SER B 127 18.75 -0.57 -15.74
N LEU B 128 18.41 -1.41 -14.77
CA LEU B 128 18.79 -1.15 -13.42
C LEU B 128 20.24 -1.62 -13.24
N LYS B 129 21.17 -0.68 -13.35
CA LYS B 129 22.56 -1.09 -13.44
C LYS B 129 23.43 -0.64 -12.26
N ASN B 130 22.95 0.27 -11.41
CA ASN B 130 23.76 0.58 -10.25
C ASN B 130 22.95 0.89 -9.01
N SER B 131 23.67 0.99 -7.90
CA SER B 131 23.06 1.13 -6.59
CA SER B 131 23.06 1.13 -6.59
C SER B 131 22.22 2.38 -6.50
N ALA B 132 22.66 3.48 -7.12
CA ALA B 132 21.91 4.74 -7.03
C ALA B 132 20.54 4.59 -7.66
N HIS B 133 20.46 3.86 -8.76
CA HIS B 133 19.19 3.64 -9.45
C HIS B 133 18.24 2.98 -8.48
N TYR B 134 18.71 1.93 -7.86
CA TYR B 134 17.87 1.17 -6.93
C TYR B 134 17.47 1.94 -5.72
N ILE B 135 18.44 2.59 -5.07
CA ILE B 135 18.13 3.30 -3.82
C ILE B 135 17.17 4.47 -4.08
N SER B 136 17.25 5.09 -5.25
N SER B 136 17.26 5.09 -5.25
CA SER B 136 16.38 6.23 -5.55
CA SER B 136 16.39 6.21 -5.57
C SER B 136 14.91 5.85 -5.67
C SER B 136 14.92 5.82 -5.46
N PHE B 137 14.61 4.56 -5.74
CA PHE B 137 13.21 4.12 -5.78
C PHE B 137 12.74 3.38 -4.57
N THR B 138 13.65 3.08 -3.65
CA THR B 138 13.32 2.19 -2.54
C THR B 138 13.65 2.79 -1.19
N SER B 139 13.93 4.06 -1.16
CA SER B 139 14.37 4.75 0.05
C SER B 139 13.46 5.96 0.14
N PRO B 140 13.54 6.75 1.21
CA PRO B 140 12.70 7.96 1.25
C PRO B 140 12.96 8.99 0.17
N PHE B 141 13.98 8.79 -0.64
CA PHE B 141 14.21 9.63 -1.80
C PHE B 141 13.06 9.52 -2.76
N PHE B 142 12.38 8.38 -2.75
CA PHE B 142 11.18 8.18 -3.55
C PHE B 142 10.01 8.65 -2.73
N VAL B 143 9.42 9.76 -3.14
CA VAL B 143 8.34 10.38 -2.37
C VAL B 143 7.04 9.89 -2.95
N LYS B 144 6.39 8.96 -2.22
CA LYS B 144 5.13 8.43 -2.73
C LYS B 144 4.10 9.53 -2.85
N ILE B 145 3.26 9.41 -3.86
CA ILE B 145 2.31 10.50 -4.17
C ILE B 145 1.29 10.68 -3.06
N ASP B 146 1.07 9.66 -2.20
CA ASP B 146 0.16 9.84 -1.06
C ASP B 146 0.86 10.28 0.22
N THR B 147 2.12 10.69 0.16
CA THR B 147 2.79 11.15 1.37
C THR B 147 2.08 12.35 1.97
N PRO B 148 1.81 12.33 3.29
CA PRO B 148 1.31 13.58 3.91
C PRO B 148 2.28 14.77 3.80
N THR B 149 1.78 16.02 3.61
CA THR B 149 2.70 17.15 3.43
C THR B 149 3.56 17.45 4.63
N SER B 150 3.08 17.06 5.82
CA SER B 150 3.84 17.19 7.04
C SER B 150 5.12 16.36 7.02
N ASN B 151 5.19 15.38 6.12
CA ASN B 151 6.32 14.46 6.10
C ASN B 151 7.39 14.73 5.00
N LEU B 152 7.20 15.78 4.20
CA LEU B 152 8.09 16.09 3.07
C LEU B 152 9.45 16.70 3.43
N PRO B 153 10.54 16.28 2.74
CA PRO B 153 11.86 16.95 2.84
C PRO B 153 11.96 18.28 2.04
N THR B 154 13.06 19.01 2.23
CA THR B 154 13.30 20.24 1.47
C THR B 154 13.98 19.94 0.13
N LEU B 161 22.87 8.46 2.67
CA LEU B 161 21.64 8.14 1.95
C LEU B 161 21.89 7.03 0.93
N PHE B 162 22.55 7.39 -0.16
CA PHE B 162 22.91 6.43 -1.21
C PHE B 162 24.19 5.70 -0.82
N GLN B 163 24.70 6.02 0.36
CA GLN B 163 25.91 5.47 0.92
C GLN B 163 25.75 4.07 1.50
N GLU B 164 24.62 3.83 2.13
CA GLU B 164 24.40 2.62 2.91
C GLU B 164 24.26 1.31 2.14
N ASP B 165 24.22 0.22 2.92
CA ASP B 165 24.15 -1.14 2.41
C ASP B 165 22.89 -1.47 1.62
N LEU B 166 23.05 -2.20 0.53
CA LEU B 166 21.90 -2.53 -0.32
C LEU B 166 20.95 -3.45 0.42
N LYS B 167 19.66 -3.13 0.37
CA LYS B 167 18.69 -3.90 1.16
C LYS B 167 17.55 -4.34 0.23
N CYS B 168 17.18 -5.62 0.25
CA CYS B 168 16.03 -6.09 -0.53
C CYS B 168 14.77 -5.40 0.01
N TRP B 169 13.98 -4.80 -0.86
CA TRP B 169 12.80 -4.04 -0.43
C TRP B 169 11.74 -4.97 0.13
N ARG B 170 11.80 -6.22 -0.27
CA ARG B 170 10.72 -7.16 0.03
C ARG B 170 10.94 -7.91 1.33
N CYS B 171 12.16 -8.38 1.56
CA CYS B 171 12.45 -9.18 2.76
C CYS B 171 13.44 -8.53 3.70
N GLY B 172 14.11 -7.50 3.23
CA GLY B 172 15.03 -6.79 4.11
C GLY B 172 16.44 -7.34 4.25
N GLU B 173 16.74 -8.44 3.57
CA GLU B 173 18.11 -8.95 3.56
C GLU B 173 19.07 -7.90 2.99
N THR B 174 20.30 -7.85 3.51
CA THR B 174 21.24 -6.85 3.03
C THR B 174 22.39 -7.52 2.30
N PHE B 175 23.01 -6.76 1.41
CA PHE B 175 24.00 -7.31 0.50
C PHE B 175 25.25 -6.45 0.50
N GLY B 176 25.41 -5.63 1.53
CA GLY B 176 26.56 -4.77 1.62
C GLY B 176 26.50 -3.82 0.45
N ARG B 177 27.64 -3.64 -0.23
CA ARG B 177 27.68 -2.81 -1.42
C ARG B 177 27.73 -3.68 -2.68
N HIS B 178 27.29 -4.94 -2.54
CA HIS B 178 27.37 -5.94 -3.62
C HIS B 178 26.18 -5.90 -4.57
N PHE B 179 26.26 -5.01 -5.56
CA PHE B 179 25.10 -4.77 -6.44
C PHE B 179 24.70 -5.99 -7.23
N THR B 180 25.69 -6.73 -7.70
N THR B 180 25.68 -6.74 -7.71
CA THR B 180 25.38 -7.91 -8.50
CA THR B 180 25.32 -7.91 -8.52
C THR B 180 24.60 -8.96 -7.72
C THR B 180 24.59 -8.98 -7.72
N LYS B 181 24.91 -9.14 -6.44
CA LYS B 181 24.20 -10.10 -5.61
C LYS B 181 22.75 -9.61 -5.41
N LEU B 182 22.59 -8.32 -5.18
CA LEU B 182 21.23 -7.75 -5.05
C LEU B 182 20.42 -8.07 -6.32
N LYS B 183 21.03 -7.86 -7.49
CA LYS B 183 20.31 -8.12 -8.74
C LYS B 183 19.78 -9.55 -8.85
N ALA B 184 20.61 -10.53 -8.53
CA ALA B 184 20.16 -11.91 -8.63
C ALA B 184 19.07 -12.17 -7.63
N HIS B 185 19.18 -11.55 -6.48
CA HIS B 185 18.18 -11.76 -5.46
C HIS B 185 16.82 -11.17 -5.85
N LEU B 186 16.84 -9.99 -6.47
CA LEU B 186 15.58 -9.37 -6.95
C LEU B 186 14.90 -10.27 -7.94
N GLN B 187 15.67 -10.93 -8.79
CA GLN B 187 15.07 -11.84 -9.73
C GLN B 187 14.38 -13.01 -9.01
N GLU B 188 15.05 -13.60 -8.01
CA GLU B 188 14.42 -14.66 -7.21
C GLU B 188 13.16 -14.15 -6.50
N GLU B 189 13.18 -12.93 -6.00
CA GLU B 189 11.99 -12.39 -5.32
C GLU B 189 10.82 -12.20 -6.29
N TYR B 190 11.13 -11.77 -7.50
CA TYR B 190 10.12 -11.61 -8.51
C TYR B 190 9.53 -12.94 -8.92
N ASP B 191 10.36 -13.93 -9.20
CA ASP B 191 9.87 -15.25 -9.55
C ASP B 191 8.93 -15.78 -8.47
N ASP B 192 9.32 -15.55 -7.22
CA ASP B 192 8.49 -16.00 -6.12
C ASP B 192 7.14 -15.27 -6.08
N TRP B 193 7.15 -13.94 -6.16
CA TRP B 193 5.91 -13.17 -6.19
C TRP B 193 5.04 -13.61 -7.36
N LEU B 194 5.66 -13.77 -8.51
CA LEU B 194 4.89 -14.11 -9.69
C LEU B 194 4.23 -15.48 -9.52
N ASP B 195 4.97 -16.43 -8.99
CA ASP B 195 4.44 -17.77 -8.87
C ASP B 195 3.21 -17.78 -7.97
N LYS B 196 3.24 -16.98 -6.93
CA LYS B 196 2.13 -16.92 -6.00
C LYS B 196 0.98 -16.07 -6.53
N SER B 197 1.23 -15.22 -7.54
CA SER B 197 0.22 -14.24 -7.93
C SER B 197 -0.54 -14.57 -9.19
N VAL B 198 -0.01 -15.45 -10.04
CA VAL B 198 -0.68 -15.69 -11.33
C VAL B 198 -1.97 -16.48 -11.12
N SER B 199 -2.96 -16.25 -11.98
CA SER B 199 -4.25 -16.92 -11.88
C SER B 199 -4.21 -18.34 -12.41
#